data_5J97
#
_entry.id   5J97
#
_cell.length_a   71.020
_cell.length_b   71.020
_cell.length_c   133.760
_cell.angle_alpha   90.00
_cell.angle_beta   90.00
_cell.angle_gamma   90.00
#
_symmetry.space_group_name_H-M   'P 41 21 2'
#
loop_
_entity.id
_entity.type
_entity.pdbx_description
1 polymer Caprin-2
2 water water
#
_entity_poly.entity_id   1
_entity_poly.type   'polypeptide(L)'
_entity_poly.pdbx_seq_one_letter_code
;GPSSPSQRREH(MSE)LKLEAEKKKLRTILQVQYVLQNLTQEHVQKDFKGGLNGAVYLPSKELDYLIKFSKLTCPERNES
LSVEDQ(MSE)EQSSLYFWDLLEGSEKAVVGTTYKHLKDLLSKLLNSGYFESIPVPKNAKEKEVP
;
_entity_poly.pdbx_strand_id   A,B
#
# COMPACT_ATOMS: atom_id res chain seq x y z
N SER A 4 -4.59 34.50 -8.17
CA SER A 4 -5.30 33.63 -7.23
C SER A 4 -6.01 32.47 -7.93
N PRO A 5 -6.76 32.74 -9.02
CA PRO A 5 -7.25 31.57 -9.78
C PRO A 5 -6.12 30.84 -10.51
N SER A 6 -4.93 31.44 -10.57
CA SER A 6 -3.75 30.75 -11.08
C SER A 6 -3.01 30.08 -9.93
N GLN A 7 -3.22 30.60 -8.74
CA GLN A 7 -2.70 30.00 -7.50
C GLN A 7 -3.50 28.74 -7.17
N ARG A 8 -4.77 28.75 -7.54
CA ARG A 8 -5.72 27.73 -7.11
C ARG A 8 -5.93 26.61 -8.13
N ARG A 9 -5.56 26.86 -9.38
CA ARG A 9 -5.71 25.87 -10.43
C ARG A 9 -4.46 25.02 -10.38
N GLU A 10 -3.35 25.68 -10.13
CA GLU A 10 -2.06 25.02 -10.07
C GLU A 10 -2.08 24.10 -8.85
N HIS A 11 -2.62 24.60 -7.74
CA HIS A 11 -2.77 23.79 -6.53
C HIS A 11 -3.78 22.65 -6.72
N LEU A 13 -4.26 21.12 -9.46
CA LEU A 13 -3.54 20.18 -10.32
C LEU A 13 -2.57 19.26 -9.58
N LYS A 14 -1.89 19.81 -8.57
CA LYS A 14 -0.93 19.04 -7.78
C LYS A 14 -1.59 17.95 -6.93
N LEU A 15 -2.77 18.24 -6.38
CA LEU A 15 -3.48 17.26 -5.58
C LEU A 15 -3.92 16.11 -6.47
N GLU A 16 -4.36 16.43 -7.67
CA GLU A 16 -4.81 15.42 -8.62
C GLU A 16 -3.66 14.52 -9.03
N ALA A 17 -2.48 15.12 -9.17
CA ALA A 17 -1.26 14.39 -9.49
C ALA A 17 -0.80 13.51 -8.33
N GLU A 18 -0.94 14.00 -7.11
CA GLU A 18 -0.59 13.23 -5.92
C GLU A 18 -1.53 12.04 -5.69
N LYS A 19 -2.83 12.27 -5.91
CA LYS A 19 -3.83 11.21 -5.77
C LYS A 19 -3.63 10.13 -6.83
N LYS A 20 -3.19 10.55 -8.01
CA LYS A 20 -2.96 9.63 -9.11
C LYS A 20 -1.74 8.75 -8.84
N LYS A 21 -0.70 9.36 -8.28
CA LYS A 21 0.52 8.64 -7.96
C LYS A 21 0.30 7.61 -6.85
N LEU A 22 -0.44 8.00 -5.82
CA LEU A 22 -0.76 7.07 -4.74
C LEU A 22 -1.58 5.88 -5.26
N ARG A 23 -2.50 6.15 -6.18
CA ARG A 23 -3.27 5.08 -6.82
C ARG A 23 -2.35 4.15 -7.59
N THR A 24 -1.40 4.74 -8.31
CA THR A 24 -0.46 3.97 -9.12
C THR A 24 0.41 3.10 -8.22
N ILE A 25 0.77 3.63 -7.06
CA ILE A 25 1.55 2.87 -6.10
C ILE A 25 0.77 1.65 -5.62
N LEU A 26 -0.50 1.86 -5.27
CA LEU A 26 -1.34 0.76 -4.81
C LEU A 26 -1.57 -0.31 -5.88
N GLN A 27 -1.60 0.10 -7.14
CA GLN A 27 -1.75 -0.83 -8.27
C GLN A 27 -0.49 -1.67 -8.40
N VAL A 28 0.66 -1.00 -8.39
CA VAL A 28 1.95 -1.68 -8.48
C VAL A 28 2.10 -2.62 -7.29
N GLN A 29 1.67 -2.15 -6.13
CA GLN A 29 1.70 -2.97 -4.92
C GLN A 29 0.84 -4.22 -5.06
N TYR A 30 -0.34 -4.08 -5.67
CA TYR A 30 -1.25 -5.20 -5.88
C TYR A 30 -0.63 -6.26 -6.79
N VAL A 31 0.05 -5.79 -7.84
CA VAL A 31 0.72 -6.67 -8.78
C VAL A 31 1.89 -7.40 -8.14
N LEU A 32 2.79 -6.64 -7.51
CA LEU A 32 3.98 -7.22 -6.91
C LEU A 32 3.65 -8.16 -5.77
N GLN A 33 2.66 -7.77 -4.95
CA GLN A 33 2.24 -8.61 -3.85
C GLN A 33 1.74 -9.96 -4.39
N ASN A 34 1.03 -9.92 -5.51
CA ASN A 34 0.58 -11.14 -6.17
C ASN A 34 1.67 -11.98 -6.82
N LEU A 35 2.74 -11.34 -7.28
CA LEU A 35 3.88 -12.08 -7.82
C LEU A 35 4.67 -12.83 -6.74
N THR A 36 4.43 -12.51 -5.48
CA THR A 36 5.06 -13.23 -4.36
C THR A 36 4.53 -14.67 -4.33
N GLN A 37 3.35 -14.87 -4.89
CA GLN A 37 2.69 -16.17 -4.89
C GLN A 37 3.24 -17.15 -5.92
N GLU A 38 3.40 -18.40 -5.49
CA GLU A 38 3.97 -19.46 -6.31
C GLU A 38 3.18 -19.75 -7.56
N HIS A 39 1.86 -19.87 -7.42
CA HIS A 39 1.00 -20.24 -8.53
C HIS A 39 0.94 -19.18 -9.63
N VAL A 40 1.02 -17.90 -9.25
CA VAL A 40 1.07 -16.81 -10.21
C VAL A 40 2.38 -16.85 -10.99
N GLN A 41 3.45 -17.21 -10.31
CA GLN A 41 4.78 -17.30 -10.91
C GLN A 41 4.80 -18.40 -11.97
N LYS A 42 4.13 -19.52 -11.72
CA LYS A 42 4.06 -20.60 -12.71
C LYS A 42 3.32 -20.15 -13.96
N ASP A 43 2.32 -19.30 -13.79
CA ASP A 43 1.55 -18.79 -14.92
C ASP A 43 2.43 -17.91 -15.82
N PHE A 44 3.27 -17.07 -15.21
CA PHE A 44 4.14 -16.16 -15.97
C PHE A 44 5.34 -16.83 -16.64
N LYS A 45 5.83 -17.90 -16.03
CA LYS A 45 6.93 -18.67 -16.61
C LYS A 45 6.47 -19.28 -17.95
N GLY A 46 5.19 -19.63 -18.02
CA GLY A 46 4.57 -20.03 -19.26
C GLY A 46 3.67 -18.94 -19.82
N GLY A 47 2.50 -19.35 -20.29
CA GLY A 47 1.52 -18.45 -20.87
C GLY A 47 0.15 -19.01 -20.53
N LEU A 48 0.07 -19.62 -19.35
CA LEU A 48 -1.03 -20.52 -18.97
C LEU A 48 -2.40 -19.92 -18.62
N ASN A 49 -2.43 -18.69 -18.13
CA ASN A 49 -3.72 -18.05 -17.88
C ASN A 49 -3.80 -16.60 -18.34
N GLY A 50 -3.30 -16.33 -19.55
CA GLY A 50 -3.34 -14.99 -20.07
C GLY A 50 -2.13 -14.18 -19.67
N ALA A 51 -1.17 -14.84 -19.03
CA ALA A 51 0.07 -14.18 -18.67
C ALA A 51 0.80 -13.78 -19.95
N VAL A 52 1.32 -12.56 -19.95
CA VAL A 52 2.11 -12.05 -21.06
C VAL A 52 3.48 -12.72 -21.02
N TYR A 53 4.11 -12.91 -22.18
CA TYR A 53 5.42 -13.55 -22.21
C TYR A 53 6.50 -12.65 -21.64
N LEU A 54 7.30 -13.22 -20.75
CA LEU A 54 8.47 -12.55 -20.23
C LEU A 54 9.62 -13.54 -20.26
N PRO A 55 10.81 -13.09 -20.69
CA PRO A 55 12.00 -13.95 -20.63
C PRO A 55 12.33 -14.29 -19.18
N SER A 56 13.02 -15.41 -18.96
CA SER A 56 13.24 -15.93 -17.61
C SER A 56 13.95 -14.97 -16.67
N LYS A 57 14.94 -14.24 -17.18
CA LYS A 57 15.66 -13.30 -16.33
C LYS A 57 14.84 -12.06 -16.00
N GLU A 58 14.04 -11.58 -16.96
CA GLU A 58 13.23 -10.38 -16.73
C GLU A 58 12.12 -10.62 -15.70
N LEU A 59 11.45 -11.76 -15.77
CA LEU A 59 10.46 -12.12 -14.78
C LEU A 59 11.12 -12.30 -13.42
N ASP A 60 12.36 -12.81 -13.43
CA ASP A 60 13.09 -13.04 -12.19
C ASP A 60 13.39 -11.71 -11.48
N TYR A 61 13.57 -10.65 -12.27
CA TYR A 61 13.76 -9.31 -11.74
C TYR A 61 12.53 -8.88 -10.95
N LEU A 62 11.35 -9.16 -11.49
CA LEU A 62 10.10 -8.78 -10.84
C LEU A 62 9.86 -9.54 -9.55
N ILE A 63 10.18 -10.84 -9.55
CA ILE A 63 10.05 -11.66 -8.35
C ILE A 63 10.97 -11.18 -7.24
N LYS A 64 12.20 -10.84 -7.58
CA LYS A 64 13.15 -10.33 -6.60
C LYS A 64 12.71 -8.98 -6.06
N PHE A 65 12.23 -8.11 -6.95
CA PHE A 65 11.83 -6.76 -6.56
C PHE A 65 10.60 -6.79 -5.67
N SER A 66 9.69 -7.73 -5.94
CA SER A 66 8.48 -7.85 -5.14
C SER A 66 8.75 -8.17 -3.68
N LYS A 67 9.79 -8.97 -3.42
CA LYS A 67 10.18 -9.28 -2.04
C LYS A 67 10.71 -8.06 -1.30
N LEU A 68 11.20 -7.07 -2.04
CA LEU A 68 11.64 -5.81 -1.43
C LEU A 68 10.47 -4.87 -1.14
N THR A 69 9.58 -4.71 -2.10
CA THR A 69 8.41 -3.86 -1.93
C THR A 69 7.39 -4.51 -1.00
N CYS A 70 7.31 -5.83 -1.05
CA CYS A 70 6.35 -6.56 -0.24
C CYS A 70 7.06 -7.58 0.64
N PRO A 71 7.92 -7.07 1.55
CA PRO A 71 8.75 -7.98 2.34
C PRO A 71 7.98 -8.61 3.49
N GLU A 72 8.56 -9.65 4.05
CA GLU A 72 8.10 -10.24 5.29
C GLU A 72 8.64 -9.45 6.48
N ARG A 73 7.97 -9.58 7.62
CA ARG A 73 8.30 -8.76 8.78
C ARG A 73 9.71 -9.01 9.31
N ASN A 74 10.45 -7.92 9.59
CA ASN A 74 11.75 -8.01 10.24
C ASN A 74 11.73 -7.28 11.57
N GLU A 75 11.64 -8.05 12.66
CA GLU A 75 11.43 -7.48 13.99
C GLU A 75 12.69 -6.82 14.57
N SER A 76 13.78 -6.91 13.83
CA SER A 76 14.98 -6.15 14.16
C SER A 76 14.75 -4.67 13.85
N LEU A 77 13.82 -4.41 12.94
CA LEU A 77 13.42 -3.04 12.62
C LEU A 77 12.03 -2.76 13.16
N SER A 78 11.78 -1.51 13.53
CA SER A 78 10.43 -1.12 13.90
C SER A 78 9.60 -1.09 12.62
N VAL A 79 8.29 -1.18 12.78
CA VAL A 79 7.38 -1.14 11.65
C VAL A 79 7.59 0.15 10.86
N GLU A 80 7.83 1.24 11.57
CA GLU A 80 8.08 2.52 10.93
C GLU A 80 9.35 2.47 10.09
N ASP A 81 10.40 1.88 10.64
CA ASP A 81 11.67 1.76 9.92
C ASP A 81 11.61 0.77 8.75
N GLN A 82 10.81 -0.29 8.87
CA GLN A 82 10.68 -1.21 7.75
C GLN A 82 9.80 -0.61 6.64
N GLU A 84 9.91 2.50 5.88
CA GLU A 84 10.76 3.50 5.25
C GLU A 84 11.54 2.84 4.13
N GLN A 85 12.15 1.69 4.43
CA GLN A 85 12.88 0.91 3.43
C GLN A 85 11.96 0.50 2.31
N SER A 86 10.83 -0.09 2.68
CA SER A 86 9.88 -0.64 1.71
C SER A 86 9.28 0.44 0.82
N SER A 87 8.91 1.57 1.41
CA SER A 87 8.26 2.63 0.63
C SER A 87 9.18 3.19 -0.45
N LEU A 88 10.49 3.25 -0.14
CA LEU A 88 11.46 3.81 -1.08
C LEU A 88 11.54 3.04 -2.38
N TYR A 89 11.33 1.72 -2.31
CA TYR A 89 11.32 0.90 -3.52
C TYR A 89 10.14 1.29 -4.43
N PHE A 90 9.01 1.66 -3.82
CA PHE A 90 7.89 2.16 -4.63
C PHE A 90 8.20 3.52 -5.24
N TRP A 91 8.81 4.40 -4.46
CA TRP A 91 9.10 5.75 -4.93
C TRP A 91 10.07 5.72 -6.11
N ASP A 92 11.19 5.03 -5.94
CA ASP A 92 12.22 5.00 -6.96
C ASP A 92 11.78 4.23 -8.21
N LEU A 93 10.81 3.33 -8.04
CA LEU A 93 10.25 2.63 -9.19
C LEU A 93 9.49 3.62 -10.07
N LEU A 94 8.70 4.48 -9.43
CA LEU A 94 7.91 5.46 -10.16
C LEU A 94 8.81 6.54 -10.75
N GLU A 95 9.92 6.79 -10.07
CA GLU A 95 10.90 7.76 -10.56
C GLU A 95 11.53 7.22 -11.84
N GLY A 96 11.70 5.91 -11.89
CA GLY A 96 12.21 5.24 -13.08
C GLY A 96 13.60 5.68 -13.54
N SER A 97 14.48 5.95 -12.59
CA SER A 97 15.86 6.34 -12.93
C SER A 97 16.69 5.12 -13.33
N GLU A 98 17.93 5.37 -13.73
CA GLU A 98 18.82 4.32 -14.21
C GLU A 98 19.57 3.64 -13.08
N LYS A 99 19.20 3.96 -11.83
CA LYS A 99 19.84 3.41 -10.64
C LYS A 99 19.71 1.89 -10.54
N ALA A 100 20.77 1.25 -10.08
CA ALA A 100 20.83 -0.20 -10.05
C ALA A 100 20.06 -0.78 -8.86
N VAL A 101 19.28 -1.82 -9.14
CA VAL A 101 18.55 -2.56 -8.12
C VAL A 101 18.31 -3.96 -8.64
N VAL A 102 18.39 -4.96 -7.77
CA VAL A 102 18.14 -6.37 -8.11
C VAL A 102 18.70 -6.90 -9.43
N GLY A 103 19.84 -6.36 -9.87
CA GLY A 103 20.50 -6.84 -11.08
C GLY A 103 19.97 -6.19 -12.35
N THR A 104 19.23 -5.10 -12.19
CA THR A 104 18.68 -4.35 -13.31
C THR A 104 18.55 -2.90 -12.85
N THR A 105 17.63 -2.14 -13.44
CA THR A 105 17.44 -0.75 -13.07
C THR A 105 15.98 -0.49 -12.72
N TYR A 106 15.74 0.59 -11.97
CA TYR A 106 14.38 0.98 -11.61
C TYR A 106 13.57 1.30 -12.86
N LYS A 107 14.23 1.86 -13.87
CA LYS A 107 13.57 2.22 -15.12
C LYS A 107 13.07 1.00 -15.87
N HIS A 108 13.91 -0.03 -15.94
CA HIS A 108 13.54 -1.27 -16.61
C HIS A 108 12.40 -1.98 -15.89
N LEU A 109 12.46 -2.00 -14.56
CA LEU A 109 11.39 -2.59 -13.74
C LEU A 109 10.07 -1.86 -13.97
N LYS A 110 10.13 -0.55 -14.10
CA LYS A 110 8.93 0.24 -14.31
C LYS A 110 8.27 -0.10 -15.64
N ASP A 111 9.10 -0.31 -16.66
CA ASP A 111 8.59 -0.69 -17.97
C ASP A 111 7.97 -2.09 -17.95
N LEU A 112 8.62 -3.01 -17.25
CA LEU A 112 8.08 -4.36 -17.12
C LEU A 112 6.76 -4.35 -16.35
N LEU A 113 6.72 -3.56 -15.29
CA LEU A 113 5.53 -3.48 -14.46
C LEU A 113 4.35 -2.85 -15.20
N SER A 114 4.67 -1.99 -16.17
CA SER A 114 3.63 -1.39 -17.01
C SER A 114 3.04 -2.41 -17.97
N LYS A 115 3.85 -3.37 -18.41
CA LYS A 115 3.35 -4.46 -19.24
C LYS A 115 2.36 -5.33 -18.48
N LEU A 116 2.70 -5.65 -17.22
CA LEU A 116 1.85 -6.51 -16.39
C LEU A 116 0.54 -5.83 -15.99
N LEU A 117 0.59 -4.53 -15.69
CA LEU A 117 -0.63 -3.78 -15.41
C LEU A 117 -1.55 -3.79 -16.63
N ASN A 118 -0.94 -3.64 -17.80
CA ASN A 118 -1.67 -3.57 -19.06
C ASN A 118 -2.13 -4.92 -19.62
N SER A 119 -1.64 -6.02 -19.04
CA SER A 119 -1.96 -7.37 -19.52
C SER A 119 -3.37 -7.86 -19.17
N GLY A 120 -3.94 -7.34 -18.09
CA GLY A 120 -5.27 -7.72 -17.67
C GLY A 120 -5.29 -9.10 -17.02
N TYR A 121 -4.12 -9.66 -16.77
CA TYR A 121 -3.99 -10.95 -16.09
C TYR A 121 -4.49 -10.80 -14.66
N PHE A 122 -4.25 -9.62 -14.10
CA PHE A 122 -4.51 -9.37 -12.69
C PHE A 122 -5.94 -8.94 -12.39
N GLU A 123 -6.73 -8.70 -13.44
CA GLU A 123 -8.12 -8.29 -13.25
C GLU A 123 -8.94 -9.36 -12.55
N SER A 124 -8.71 -10.62 -12.91
CA SER A 124 -9.29 -11.76 -12.20
C SER A 124 -8.23 -12.85 -11.98
N ILE A 125 -7.83 -13.04 -10.72
CA ILE A 125 -6.75 -13.96 -10.40
C ILE A 125 -7.29 -15.37 -10.19
N PRO A 126 -6.70 -16.35 -10.90
CA PRO A 126 -7.08 -17.77 -10.82
C PRO A 126 -6.72 -18.41 -9.47
N VAL A 127 -7.61 -19.25 -8.95
CA VAL A 127 -7.39 -19.89 -7.65
C VAL A 127 -6.66 -21.24 -7.83
N PRO A 128 -5.75 -21.58 -6.89
CA PRO A 128 -5.09 -22.89 -6.91
C PRO A 128 -6.06 -24.07 -6.77
N GLN B 7 22.63 24.55 -6.03
CA GLN B 7 22.57 23.87 -4.74
C GLN B 7 21.34 22.97 -4.62
N ARG B 8 21.57 21.72 -4.18
CA ARG B 8 20.52 20.71 -4.13
C ARG B 8 19.87 20.47 -2.76
N ARG B 9 19.69 21.52 -1.95
CA ARG B 9 19.06 21.31 -0.65
C ARG B 9 17.54 21.43 -0.57
N GLU B 10 16.95 22.41 -1.27
CA GLU B 10 15.50 22.67 -1.16
C GLU B 10 14.54 21.62 -1.73
N HIS B 11 14.81 21.17 -2.96
CA HIS B 11 13.98 20.16 -3.62
C HIS B 11 14.07 18.81 -2.87
N LEU B 13 14.37 18.46 0.42
CA LEU B 13 13.58 18.54 1.64
C LEU B 13 12.11 18.24 1.34
N LYS B 14 11.63 18.75 0.21
CA LYS B 14 10.25 18.47 -0.19
C LYS B 14 10.06 17.02 -0.60
N LEU B 15 11.06 16.46 -1.26
CA LEU B 15 11.02 15.04 -1.64
C LEU B 15 11.10 14.14 -0.42
N GLU B 16 11.87 14.57 0.58
CA GLU B 16 12.02 13.81 1.81
C GLU B 16 10.68 13.75 2.54
N ALA B 17 9.94 14.85 2.49
CA ALA B 17 8.61 14.92 3.07
C ALA B 17 7.59 14.08 2.28
N GLU B 18 7.70 14.08 0.96
CA GLU B 18 6.78 13.29 0.14
C GLU B 18 6.99 11.79 0.36
N LYS B 19 8.24 11.39 0.55
CA LYS B 19 8.55 9.99 0.83
C LYS B 19 7.99 9.61 2.18
N LYS B 20 8.00 10.57 3.10
CA LYS B 20 7.55 10.36 4.47
C LYS B 20 6.03 10.14 4.51
N LYS B 21 5.30 10.88 3.69
CA LYS B 21 3.85 10.72 3.63
C LYS B 21 3.51 9.34 3.08
N LEU B 22 4.24 8.92 2.06
CA LEU B 22 4.07 7.59 1.51
C LEU B 22 4.37 6.54 2.58
N ARG B 23 5.39 6.80 3.40
CA ARG B 23 5.70 5.92 4.51
C ARG B 23 4.54 5.84 5.51
N THR B 24 3.95 6.99 5.85
CA THR B 24 2.85 7.02 6.80
C THR B 24 1.64 6.29 6.24
N ILE B 25 1.41 6.44 4.94
CA ILE B 25 0.31 5.75 4.30
C ILE B 25 0.46 4.22 4.34
N LEU B 26 1.64 3.71 3.95
CA LEU B 26 1.86 2.26 3.98
C LEU B 26 1.78 1.72 5.40
N GLN B 27 2.16 2.55 6.36
CA GLN B 27 2.12 2.20 7.78
C GLN B 27 0.68 2.09 8.24
N VAL B 28 -0.13 3.08 7.87
CA VAL B 28 -1.56 3.07 8.20
C VAL B 28 -2.21 1.86 7.55
N GLN B 29 -1.79 1.55 6.33
CA GLN B 29 -2.26 0.36 5.63
C GLN B 29 -1.89 -0.91 6.41
N TYR B 30 -0.67 -0.95 6.96
CA TYR B 30 -0.24 -2.14 7.69
C TYR B 30 -1.11 -2.39 8.92
N VAL B 31 -1.45 -1.30 9.62
CA VAL B 31 -2.29 -1.38 10.81
C VAL B 31 -3.72 -1.83 10.49
N LEU B 32 -4.34 -1.18 9.52
CA LEU B 32 -5.72 -1.47 9.14
C LEU B 32 -5.88 -2.87 8.56
N GLN B 33 -4.90 -3.28 7.74
CA GLN B 33 -4.94 -4.60 7.12
C GLN B 33 -4.96 -5.66 8.22
N ASN B 34 -4.21 -5.41 9.29
CA ASN B 34 -4.23 -6.30 10.45
C ASN B 34 -5.53 -6.23 11.28
N LEU B 35 -6.17 -5.07 11.30
CA LEU B 35 -7.47 -4.93 11.97
C LEU B 35 -8.58 -5.66 11.22
N THR B 36 -8.30 -6.02 9.96
CA THR B 36 -9.23 -6.82 9.17
C THR B 36 -9.27 -8.23 9.76
N GLN B 37 -8.19 -8.64 10.43
CA GLN B 37 -8.10 -9.98 10.99
C GLN B 37 -8.88 -10.14 12.29
N GLU B 38 -9.60 -11.26 12.35
CA GLU B 38 -10.54 -11.56 13.42
C GLU B 38 -9.85 -11.66 14.78
N HIS B 39 -8.70 -12.33 14.81
CA HIS B 39 -7.97 -12.55 16.04
C HIS B 39 -7.39 -11.25 16.63
N VAL B 40 -6.97 -10.34 15.75
CA VAL B 40 -6.47 -9.04 16.18
C VAL B 40 -7.59 -8.19 16.77
N GLN B 41 -8.79 -8.31 16.19
CA GLN B 41 -9.94 -7.54 16.66
C GLN B 41 -10.33 -7.92 18.08
N LYS B 42 -10.32 -9.22 18.35
CA LYS B 42 -10.70 -9.72 19.67
C LYS B 42 -9.75 -9.21 20.74
N ASP B 43 -8.48 -9.07 20.36
CA ASP B 43 -7.47 -8.60 21.28
C ASP B 43 -7.80 -7.16 21.69
N PHE B 44 -8.23 -6.36 20.72
CA PHE B 44 -8.59 -4.97 20.99
C PHE B 44 -9.92 -4.87 21.72
N LYS B 45 -10.83 -5.80 21.44
CA LYS B 45 -12.09 -5.89 22.14
C LYS B 45 -11.96 -6.24 23.63
N GLY B 46 -10.97 -7.06 23.98
CA GLY B 46 -10.69 -7.37 25.37
C GLY B 46 -9.49 -6.67 25.99
N GLY B 47 -8.82 -5.84 25.20
CA GLY B 47 -7.64 -5.12 25.64
C GLY B 47 -6.42 -6.02 25.77
N LEU B 48 -6.44 -7.14 25.03
CA LEU B 48 -5.42 -8.19 25.14
C LEU B 48 -4.11 -7.94 24.40
N ASN B 49 -3.06 -8.57 24.92
CA ASN B 49 -1.75 -8.61 24.29
C ASN B 49 -1.12 -7.27 23.94
N GLY B 50 -1.21 -6.30 24.83
CA GLY B 50 -0.59 -5.01 24.60
C GLY B 50 -1.42 -4.07 23.74
N ALA B 51 -2.65 -4.49 23.40
CA ALA B 51 -3.54 -3.62 22.67
C ALA B 51 -3.94 -2.42 23.54
N VAL B 52 -3.93 -1.23 22.94
CA VAL B 52 -4.33 -0.04 23.67
C VAL B 52 -5.86 -0.07 23.83
N TYR B 53 -6.36 0.45 24.95
CA TYR B 53 -7.79 0.43 25.19
C TYR B 53 -8.52 1.41 24.28
N LEU B 54 -9.62 0.94 23.68
CA LEU B 54 -10.52 1.78 22.90
C LEU B 54 -11.98 1.48 23.28
N PRO B 55 -12.82 2.53 23.39
CA PRO B 55 -14.24 2.28 23.64
C PRO B 55 -14.81 1.49 22.47
N SER B 56 -15.87 0.73 22.70
CA SER B 56 -16.37 -0.20 21.70
C SER B 56 -16.77 0.44 20.36
N LYS B 57 -17.41 1.60 20.42
CA LYS B 57 -17.84 2.29 19.19
C LYS B 57 -16.65 2.88 18.44
N GLU B 58 -15.64 3.33 19.18
CA GLU B 58 -14.44 3.90 18.59
C GLU B 58 -13.68 2.84 17.79
N LEU B 59 -13.55 1.65 18.35
CA LEU B 59 -12.92 0.53 17.65
C LEU B 59 -13.74 0.09 16.43
N ASP B 60 -15.06 0.22 16.52
CA ASP B 60 -15.95 -0.12 15.41
C ASP B 60 -15.73 0.79 14.19
N TYR B 61 -15.40 2.05 14.43
CA TYR B 61 -15.09 2.98 13.35
C TYR B 61 -13.87 2.51 12.56
N LEU B 62 -12.84 2.07 13.28
CA LEU B 62 -11.60 1.60 12.69
C LEU B 62 -11.83 0.31 11.90
N ILE B 63 -12.66 -0.58 12.44
CA ILE B 63 -13.00 -1.82 11.73
C ILE B 63 -13.79 -1.57 10.44
N LYS B 64 -14.77 -0.68 10.49
CA LYS B 64 -15.54 -0.37 9.29
C LYS B 64 -14.64 0.31 8.25
N PHE B 65 -13.79 1.22 8.72
CA PHE B 65 -12.90 1.96 7.83
C PHE B 65 -11.84 1.06 7.17
N SER B 66 -11.36 0.05 7.89
CA SER B 66 -10.36 -0.87 7.37
C SER B 66 -10.88 -1.67 6.16
N LYS B 67 -12.18 -1.97 6.16
CA LYS B 67 -12.79 -2.67 5.05
C LYS B 67 -12.83 -1.82 3.79
N LEU B 68 -12.82 -0.50 3.95
CA LEU B 68 -12.75 0.40 2.79
C LEU B 68 -11.33 0.55 2.25
N THR B 69 -10.36 0.74 3.14
CA THR B 69 -8.98 0.90 2.73
C THR B 69 -8.37 -0.42 2.26
N CYS B 70 -8.78 -1.51 2.90
CA CYS B 70 -8.26 -2.82 2.57
C CYS B 70 -9.38 -3.75 2.19
N PRO B 71 -10.11 -3.41 1.10
CA PRO B 71 -11.28 -4.21 0.76
C PRO B 71 -10.86 -5.49 0.08
N GLU B 72 -11.81 -6.41 -0.03
CA GLU B 72 -11.64 -7.61 -0.85
C GLU B 72 -11.92 -7.25 -2.29
N ARG B 73 -11.41 -8.05 -3.22
CA ARG B 73 -11.50 -7.74 -4.64
C ARG B 73 -12.95 -7.71 -5.16
N ASN B 74 -13.26 -6.69 -5.95
CA ASN B 74 -14.56 -6.57 -6.61
C ASN B 74 -14.35 -6.59 -8.12
N GLU B 75 -14.63 -7.74 -8.74
CA GLU B 75 -14.31 -7.92 -10.15
C GLU B 75 -15.26 -7.14 -11.05
N SER B 76 -16.25 -6.49 -10.45
CA SER B 76 -17.11 -5.56 -11.16
C SER B 76 -16.34 -4.30 -11.51
N LEU B 77 -15.29 -4.00 -10.75
CA LEU B 77 -14.46 -2.85 -11.07
C LEU B 77 -13.11 -3.31 -11.63
N SER B 78 -12.51 -2.46 -12.45
CA SER B 78 -11.15 -2.73 -12.88
C SER B 78 -10.26 -2.55 -11.66
N VAL B 79 -9.08 -3.18 -11.70
CA VAL B 79 -8.13 -3.08 -10.61
C VAL B 79 -7.78 -1.61 -10.39
N GLU B 80 -7.69 -0.87 -11.49
CA GLU B 80 -7.39 0.54 -11.46
C GLU B 80 -8.46 1.34 -10.73
N ASP B 81 -9.73 1.04 -11.03
CA ASP B 81 -10.84 1.77 -10.41
C ASP B 81 -10.98 1.44 -8.93
N GLN B 82 -10.67 0.20 -8.53
CA GLN B 82 -10.72 -0.15 -7.12
C GLN B 82 -9.55 0.42 -6.32
N GLU B 84 -8.14 3.20 -7.12
CA GLU B 84 -8.52 4.60 -7.07
C GLU B 84 -9.45 4.87 -5.88
N GLN B 85 -10.43 3.98 -5.69
CA GLN B 85 -11.34 4.09 -4.57
C GLN B 85 -10.54 3.98 -3.27
N SER B 86 -9.72 2.95 -3.17
CA SER B 86 -8.96 2.70 -1.95
C SER B 86 -7.99 3.82 -1.64
N SER B 87 -7.30 4.31 -2.66
CA SER B 87 -6.29 5.34 -2.49
C SER B 87 -6.88 6.62 -1.90
N LEU B 88 -8.10 6.95 -2.32
CA LEU B 88 -8.75 8.15 -1.84
C LEU B 88 -9.05 8.08 -0.34
N TYR B 89 -9.34 6.88 0.16
CA TYR B 89 -9.58 6.72 1.59
C TYR B 89 -8.31 6.99 2.40
N PHE B 90 -7.17 6.56 1.88
CA PHE B 90 -5.89 6.86 2.52
C PHE B 90 -5.59 8.35 2.45
N TRP B 91 -5.87 8.96 1.30
CA TRP B 91 -5.60 10.38 1.12
C TRP B 91 -6.42 11.20 2.08
N ASP B 92 -7.73 10.97 2.11
CA ASP B 92 -8.64 11.76 2.92
C ASP B 92 -8.42 11.52 4.41
N LEU B 93 -7.89 10.35 4.75
CA LEU B 93 -7.56 10.08 6.14
C LEU B 93 -6.43 10.98 6.60
N LEU B 94 -5.38 11.08 5.77
CA LEU B 94 -4.20 11.84 6.12
C LEU B 94 -4.52 13.34 6.06
N GLU B 95 -5.48 13.71 5.22
CA GLU B 95 -5.95 15.08 5.15
C GLU B 95 -6.66 15.45 6.46
N GLY B 96 -7.33 14.47 7.06
CA GLY B 96 -7.98 14.65 8.34
C GLY B 96 -9.06 15.72 8.35
N SER B 97 -9.82 15.82 7.28
CA SER B 97 -10.91 16.80 7.20
C SER B 97 -12.11 16.37 8.04
N GLU B 98 -13.11 17.25 8.13
CA GLU B 98 -14.28 16.98 8.95
C GLU B 98 -15.35 16.24 8.14
N LYS B 99 -14.96 15.82 6.94
CA LYS B 99 -15.86 15.09 6.06
C LYS B 99 -16.28 13.79 6.72
N ALA B 100 -17.55 13.43 6.55
CA ALA B 100 -18.11 12.26 7.22
C ALA B 100 -17.78 10.97 6.48
N VAL B 101 -17.41 9.95 7.24
CA VAL B 101 -17.15 8.61 6.71
C VAL B 101 -17.42 7.59 7.82
N VAL B 102 -18.01 6.46 7.44
CA VAL B 102 -18.36 5.36 8.36
C VAL B 102 -18.97 5.76 9.71
N GLY B 103 -19.73 6.86 9.73
CA GLY B 103 -20.41 7.29 10.93
C GLY B 103 -19.56 8.15 11.83
N THR B 104 -18.47 8.68 11.28
CA THR B 104 -17.56 9.55 12.02
C THR B 104 -16.87 10.48 11.01
N THR B 105 -15.68 10.95 11.33
CA THR B 105 -14.96 11.84 10.43
C THR B 105 -13.56 11.31 10.10
N TYR B 106 -13.01 11.77 8.98
CA TYR B 106 -11.66 11.41 8.60
C TYR B 106 -10.68 11.90 9.66
N LYS B 107 -11.04 13.03 10.25
CA LYS B 107 -10.26 13.67 11.29
C LYS B 107 -10.18 12.78 12.54
N HIS B 108 -11.33 12.26 12.96
CA HIS B 108 -11.39 11.42 14.14
C HIS B 108 -10.63 10.11 13.92
N LEU B 109 -10.81 9.51 12.74
CA LEU B 109 -10.11 8.28 12.38
C LEU B 109 -8.60 8.47 12.39
N LYS B 110 -8.14 9.63 11.91
CA LYS B 110 -6.73 9.94 11.89
C LYS B 110 -6.18 10.04 13.31
N ASP B 111 -7.00 10.59 14.21
CA ASP B 111 -6.60 10.69 15.60
C ASP B 111 -6.48 9.30 16.23
N LEU B 112 -7.46 8.44 15.95
CA LEU B 112 -7.46 7.07 16.46
C LEU B 112 -6.29 6.26 15.91
N LEU B 113 -5.99 6.46 14.63
CA LEU B 113 -4.89 5.74 14.00
C LEU B 113 -3.54 6.14 14.57
N SER B 114 -3.44 7.38 15.05
CA SER B 114 -2.22 7.83 15.69
C SER B 114 -2.03 7.16 17.04
N LYS B 115 -3.13 6.84 17.72
CA LYS B 115 -3.05 6.06 18.95
C LYS B 115 -2.51 4.66 18.65
N LEU B 116 -3.00 4.08 17.56
CA LEU B 116 -2.62 2.72 17.16
C LEU B 116 -1.18 2.61 16.64
N LEU B 117 -0.78 3.57 15.82
CA LEU B 117 0.59 3.63 15.33
C LEU B 117 1.60 3.82 16.45
N ASN B 118 1.21 4.65 17.42
CA ASN B 118 2.08 4.96 18.54
C ASN B 118 2.16 3.85 19.58
N SER B 119 1.27 2.86 19.46
CA SER B 119 1.30 1.70 20.36
C SER B 119 2.41 0.76 19.87
N GLY B 120 2.54 -0.38 20.53
CA GLY B 120 3.56 -1.35 20.14
C GLY B 120 2.93 -2.70 19.84
N TYR B 121 1.61 -2.72 19.76
CA TYR B 121 0.90 -3.97 19.53
C TYR B 121 1.29 -4.55 18.17
N PHE B 122 1.50 -3.66 17.20
CA PHE B 122 1.73 -4.05 15.82
C PHE B 122 3.20 -4.31 15.50
N GLU B 123 4.08 -3.97 16.43
CA GLU B 123 5.51 -4.19 16.25
C GLU B 123 5.80 -5.68 16.15
N SER B 124 5.12 -6.46 17.00
CA SER B 124 5.14 -7.91 16.86
C SER B 124 3.74 -8.48 17.07
N ILE B 125 3.14 -8.95 15.99
CA ILE B 125 1.74 -9.40 16.02
C ILE B 125 1.61 -10.88 16.40
N PRO B 126 0.74 -11.17 17.39
CA PRO B 126 0.49 -12.54 17.85
C PRO B 126 -0.23 -13.38 16.79
N VAL B 127 0.19 -14.64 16.66
CA VAL B 127 -0.37 -15.56 15.66
C VAL B 127 -1.57 -16.32 16.26
N PRO B 128 -2.57 -16.64 15.42
CA PRO B 128 -3.72 -17.43 15.89
C PRO B 128 -3.35 -18.78 16.48
#